data_9LIF
#
_entry.id   9LIF
#
_cell.length_a   25.439
_cell.length_b   57.314
_cell.length_c   35.000
_cell.angle_alpha   90.000
_cell.angle_beta   96.458
_cell.angle_gamma   90.000
#
_symmetry.space_group_name_H-M   'P 1 21 1'
#
loop_
_entity.id
_entity.type
_entity.pdbx_description
1 polymer 'Aciniform spidroin 1'
2 water water
#
_entity_poly.entity_id   1
_entity_poly.type   'polypeptide(L)'
_entity_poly.pdbx_seq_one_letter_code
;GGDVAAKLARSLASTLASSGVFRAAFNSRVSTPVAVQLTDALVQKIASNLGLDYATASKLRKASQAVSKVRMGSDTNAYA
LAISSALAEVLSSSGKVADANINQIAPQLASGIVLGVSTTAPQFGVDLSSINVNLDISNVARNMQASIQGG
;
_entity_poly.pdbx_strand_id   A
#
# COMPACT_ATOMS: atom_id res chain seq x y z
N ASP A 3 17.38 9.36 1.98
CA ASP A 3 17.45 8.08 1.29
C ASP A 3 16.27 7.88 0.35
N VAL A 4 16.48 7.00 -0.63
CA VAL A 4 15.39 6.63 -1.53
C VAL A 4 14.21 6.06 -0.73
N ALA A 5 14.49 5.29 0.32
CA ALA A 5 13.41 4.67 1.08
C ALA A 5 12.51 5.72 1.71
N ALA A 6 13.11 6.78 2.25
CA ALA A 6 12.30 7.83 2.86
C ALA A 6 11.47 8.55 1.81
N LYS A 7 12.06 8.85 0.65
CA LYS A 7 11.30 9.49 -0.42
C LYS A 7 10.17 8.60 -0.90
N LEU A 8 10.46 7.32 -1.09
CA LEU A 8 9.42 6.38 -1.53
C LEU A 8 8.31 6.26 -0.51
N ALA A 9 8.66 6.14 0.78
CA ALA A 9 7.64 5.96 1.80
C ALA A 9 6.71 7.16 1.89
N ARG A 10 7.29 8.37 1.87
CA ARG A 10 6.48 9.58 1.99
C ARG A 10 5.56 9.77 0.79
N SER A 11 6.07 9.56 -0.43
CA SER A 11 5.23 9.75 -1.60
C SER A 11 4.15 8.67 -1.70
N LEU A 12 4.51 7.41 -1.43
CA LEU A 12 3.52 6.34 -1.50
C LEU A 12 2.42 6.56 -0.46
N ALA A 13 2.78 6.97 0.75
CA ALA A 13 1.77 7.15 1.79
C ALA A 13 0.76 8.22 1.41
N SER A 14 1.24 9.35 0.89
CA SER A 14 0.34 10.41 0.47
C SER A 14 -0.57 9.95 -0.66
N THR A 15 -0.03 9.16 -1.59
CA THR A 15 -0.82 8.65 -2.71
C THR A 15 -1.90 7.68 -2.21
N LEU A 16 -1.53 6.76 -1.32
CA LEU A 16 -2.50 5.82 -0.78
C LEU A 16 -3.61 6.53 -0.01
N ALA A 17 -3.25 7.55 0.77
CA ALA A 17 -4.26 8.29 1.52
C ALA A 17 -5.23 9.03 0.60
N SER A 18 -4.87 9.24 -0.66
CA SER A 18 -5.75 9.88 -1.64
C SER A 18 -6.64 8.89 -2.40
N SER A 19 -6.43 7.59 -2.21
CA SER A 19 -7.18 6.57 -2.94
C SER A 19 -8.50 6.28 -2.24
N GLY A 20 -9.60 6.33 -2.99
CA GLY A 20 -10.89 5.97 -2.41
C GLY A 20 -10.94 4.53 -1.95
N VAL A 21 -10.32 3.62 -2.70
CA VAL A 21 -10.26 2.22 -2.31
C VAL A 21 -9.50 2.07 -0.99
N PHE A 22 -8.32 2.69 -0.91
CA PHE A 22 -7.52 2.53 0.30
C PHE A 22 -8.23 3.11 1.52
N ARG A 23 -8.85 4.29 1.35
CA ARG A 23 -9.57 4.91 2.46
C ARG A 23 -10.77 4.07 2.90
N ALA A 24 -11.41 3.38 1.97
CA ALA A 24 -12.54 2.53 2.33
C ALA A 24 -12.11 1.35 3.21
N ALA A 25 -10.89 0.85 3.00
CA ALA A 25 -10.41 -0.33 3.71
C ALA A 25 -9.67 0.00 5.01
N PHE A 26 -8.89 1.08 5.02
CA PHE A 26 -8.04 1.43 6.16
C PHE A 26 -8.51 2.80 6.64
N ASN A 27 -9.09 2.84 7.84
CA ASN A 27 -9.67 4.06 8.38
C ASN A 27 -9.88 3.86 9.87
N SER A 28 -10.47 4.87 10.52
CA SER A 28 -10.62 4.83 11.97
C SER A 28 -11.57 3.74 12.47
N ARG A 29 -12.30 3.08 11.57
CA ARG A 29 -13.24 2.06 12.00
C ARG A 29 -12.71 0.64 11.86
N VAL A 30 -11.66 0.42 11.07
CA VAL A 30 -11.20 -0.95 10.86
C VAL A 30 -10.62 -1.49 12.15
N SER A 31 -10.92 -2.75 12.45
CA SER A 31 -10.35 -3.38 13.62
C SER A 31 -8.94 -3.88 13.27
N THR A 32 -8.08 -3.96 14.28
CA THR A 32 -6.71 -4.40 14.01
C THR A 32 -6.63 -5.80 13.43
N PRO A 33 -7.33 -6.81 13.96
CA PRO A 33 -7.23 -8.14 13.32
C PRO A 33 -7.57 -8.08 11.84
N VAL A 34 -8.60 -7.31 11.47
CA VAL A 34 -8.97 -7.20 10.07
C VAL A 34 -7.88 -6.47 9.28
N ALA A 35 -7.38 -5.36 9.82
CA ALA A 35 -6.34 -4.62 9.10
C ALA A 35 -5.11 -5.49 8.85
N VAL A 36 -4.74 -6.31 9.83
CA VAL A 36 -3.58 -7.19 9.68
C VAL A 36 -3.86 -8.28 8.65
N GLN A 37 -5.03 -8.92 8.75
CA GLN A 37 -5.35 -9.99 7.79
C GLN A 37 -5.48 -9.43 6.40
N LEU A 38 -6.04 -8.22 6.28
CA LEU A 38 -6.12 -7.58 4.97
C LEU A 38 -4.72 -7.28 4.42
N THR A 39 -3.83 -6.80 5.28
CA THR A 39 -2.47 -6.50 4.83
C THR A 39 -1.72 -7.79 4.43
N ASP A 40 -1.94 -8.88 5.16
CA ASP A 40 -1.37 -10.18 4.77
C ASP A 40 -1.80 -10.55 3.36
N ALA A 41 -3.10 -10.47 3.07
CA ALA A 41 -3.57 -10.81 1.74
C ALA A 41 -3.05 -9.82 0.71
N LEU A 42 -2.95 -8.56 1.10
CA LEU A 42 -2.51 -7.52 0.20
C LEU A 42 -1.07 -7.73 -0.25
N VAL A 43 -0.18 -8.08 0.68
CA VAL A 43 1.23 -8.21 0.30
C VAL A 43 1.43 -9.33 -0.70
N GLN A 44 0.59 -10.37 -0.66
CA GLN A 44 0.65 -11.41 -1.68
C GLN A 44 0.31 -10.84 -3.04
N LYS A 45 -0.70 -9.97 -3.11
CA LYS A 45 -1.06 -9.34 -4.38
C LYS A 45 0.03 -8.38 -4.85
N ILE A 46 0.65 -7.64 -3.92
CA ILE A 46 1.75 -6.75 -4.27
C ILE A 46 2.87 -7.55 -4.95
N ALA A 47 3.23 -8.70 -4.36
CA ALA A 47 4.30 -9.49 -4.95
C ALA A 47 3.94 -9.95 -6.36
N SER A 48 2.68 -10.35 -6.57
CA SER A 48 2.26 -10.77 -7.90
C SER A 48 2.13 -9.59 -8.85
N ASN A 49 1.61 -8.45 -8.37
CA ASN A 49 1.42 -7.29 -9.24
C ASN A 49 2.73 -6.64 -9.64
N LEU A 50 3.80 -6.83 -8.87
CA LEU A 50 5.12 -6.30 -9.20
C LEU A 50 6.11 -7.37 -9.65
N GLY A 51 5.71 -8.63 -9.69
CA GLY A 51 6.61 -9.69 -10.12
C GLY A 51 7.87 -9.84 -9.30
N LEU A 52 7.76 -9.73 -7.97
CA LEU A 52 8.93 -9.78 -7.10
C LEU A 52 9.41 -11.21 -6.90
N ASP A 53 10.72 -11.34 -6.62
CA ASP A 53 11.32 -12.64 -6.35
C ASP A 53 10.90 -13.16 -4.97
N TYR A 54 11.14 -14.45 -4.74
CA TYR A 54 10.61 -15.12 -3.56
C TYR A 54 11.14 -14.52 -2.26
N ALA A 55 12.42 -14.14 -2.22
CA ALA A 55 12.99 -13.64 -0.97
C ALA A 55 12.42 -12.27 -0.62
N THR A 56 12.42 -11.36 -1.60
CA THR A 56 11.83 -10.04 -1.38
C THR A 56 10.36 -10.15 -1.03
N ALA A 57 9.63 -11.01 -1.73
CA ALA A 57 8.22 -11.22 -1.42
C ALA A 57 8.03 -11.60 0.04
N SER A 58 8.91 -12.47 0.57
CA SER A 58 8.78 -12.90 1.96
C SER A 58 8.95 -11.73 2.93
N LYS A 59 9.79 -10.76 2.59
CA LYS A 59 10.02 -9.61 3.47
C LYS A 59 8.85 -8.64 3.48
N LEU A 60 7.96 -8.71 2.50
CA LEU A 60 6.84 -7.76 2.45
C LEU A 60 5.93 -7.89 3.66
N ARG A 61 5.92 -9.05 4.32
CA ARG A 61 5.10 -9.22 5.52
C ARG A 61 5.48 -8.28 6.65
N LYS A 62 6.62 -7.60 6.55
CA LYS A 62 6.91 -6.54 7.50
C LYS A 62 5.82 -5.48 7.53
N ALA A 63 5.09 -5.32 6.41
CA ALA A 63 3.97 -4.38 6.41
C ALA A 63 2.86 -4.83 7.35
N SER A 64 2.62 -6.14 7.44
CA SER A 64 1.61 -6.65 8.34
C SER A 64 2.02 -6.43 9.78
N GLN A 65 3.31 -6.60 10.09
CA GLN A 65 3.77 -6.35 11.45
C GLN A 65 3.62 -4.89 11.83
N ALA A 66 3.92 -3.99 10.89
CA ALA A 66 3.75 -2.56 11.13
C ALA A 66 2.28 -2.22 11.40
N VAL A 67 1.37 -2.77 10.59
CA VAL A 67 -0.05 -2.52 10.78
C VAL A 67 -0.53 -3.05 12.13
N SER A 68 0.00 -4.20 12.57
CA SER A 68 -0.40 -4.78 13.85
C SER A 68 -0.13 -3.83 15.02
N LYS A 69 0.87 -2.95 14.90
CA LYS A 69 1.21 -2.00 15.95
C LYS A 69 0.40 -0.72 15.93
N VAL A 70 -0.31 -0.43 14.83
CA VAL A 70 -1.15 0.77 14.74
C VAL A 70 -2.37 0.59 15.66
N ARG A 71 -2.65 1.60 16.48
CA ARG A 71 -3.80 1.49 17.38
C ARG A 71 -5.10 1.59 16.61
N MET A 72 -6.11 0.80 17.01
CA MET A 72 -7.43 0.96 16.40
C MET A 72 -7.97 2.36 16.66
N GLY A 73 -8.68 2.89 15.67
CA GLY A 73 -9.12 4.26 15.69
C GLY A 73 -8.20 5.20 14.94
N SER A 74 -7.02 4.71 14.53
CA SER A 74 -6.12 5.55 13.77
C SER A 74 -6.71 5.81 12.38
N ASP A 75 -6.34 6.95 11.82
CA ASP A 75 -6.84 7.42 10.54
C ASP A 75 -6.19 6.67 9.38
N THR A 76 -6.80 6.82 8.21
CA THR A 76 -6.26 6.25 6.98
C THR A 76 -4.77 6.55 6.82
N ASN A 77 -4.35 7.80 7.06
CA ASN A 77 -2.95 8.14 6.81
C ASN A 77 -2.01 7.35 7.71
N ALA A 78 -2.45 7.03 8.93
CA ALA A 78 -1.60 6.22 9.82
C ALA A 78 -1.30 4.86 9.20
N TYR A 79 -2.32 4.22 8.63
CA TYR A 79 -2.13 2.94 7.98
C TYR A 79 -1.31 3.09 6.70
N ALA A 80 -1.56 4.17 5.94
CA ALA A 80 -0.79 4.43 4.75
C ALA A 80 0.69 4.57 5.08
N LEU A 81 1.01 5.31 6.14
CA LEU A 81 2.40 5.52 6.53
C LEU A 81 3.04 4.23 7.04
N ALA A 82 2.32 3.46 7.85
CA ALA A 82 2.85 2.20 8.37
C ALA A 82 3.20 1.24 7.24
N ILE A 83 2.26 1.04 6.33
CA ILE A 83 2.47 0.14 5.19
C ILE A 83 3.57 0.66 4.29
N SER A 84 3.52 1.97 3.96
CA SER A 84 4.46 2.51 2.99
C SER A 84 5.89 2.48 3.51
N SER A 85 6.10 2.84 4.78
CA SER A 85 7.44 2.79 5.34
C SER A 85 7.99 1.37 5.32
N ALA A 86 7.17 0.39 5.69
CA ALA A 86 7.63 -1.00 5.69
C ALA A 86 8.01 -1.46 4.30
N LEU A 87 7.14 -1.18 3.31
CA LEU A 87 7.40 -1.61 1.94
C LEU A 87 8.61 -0.90 1.35
N ALA A 88 8.72 0.42 1.57
CA ALA A 88 9.86 1.16 1.04
C ALA A 88 11.18 0.62 1.61
N GLU A 89 11.20 0.35 2.90
CA GLU A 89 12.40 -0.21 3.52
C GLU A 89 12.77 -1.55 2.91
N VAL A 90 11.78 -2.44 2.72
CA VAL A 90 12.03 -3.74 2.10
C VAL A 90 12.58 -3.58 0.69
N LEU A 91 11.93 -2.72 -0.12
CA LEU A 91 12.32 -2.60 -1.51
C LEU A 91 13.70 -1.98 -1.65
N SER A 92 14.02 -0.98 -0.81
CA SER A 92 15.35 -0.38 -0.87
C SER A 92 16.41 -1.36 -0.40
N SER A 93 16.17 -2.03 0.74
CA SER A 93 17.16 -2.93 1.29
C SER A 93 17.35 -4.18 0.43
N SER A 94 16.40 -4.47 -0.46
CA SER A 94 16.49 -5.61 -1.36
C SER A 94 16.95 -5.21 -2.75
N GLY A 95 17.31 -3.94 -2.96
CA GLY A 95 17.87 -3.52 -4.23
C GLY A 95 16.86 -3.33 -5.34
N LYS A 96 15.59 -3.15 -5.01
CA LYS A 96 14.56 -3.02 -6.03
C LYS A 96 14.27 -1.57 -6.43
N VAL A 97 14.70 -0.59 -5.64
CA VAL A 97 14.44 0.81 -5.95
C VAL A 97 15.68 1.62 -5.62
N ALA A 98 16.00 2.59 -6.49
CA ALA A 98 17.08 3.54 -6.29
C ALA A 98 16.65 4.87 -6.92
N ASP A 99 17.50 5.88 -6.77
CA ASP A 99 17.20 7.17 -7.41
C ASP A 99 16.96 7.02 -8.91
N ALA A 100 17.64 6.07 -9.55
CA ALA A 100 17.50 5.89 -11.00
C ALA A 100 16.12 5.42 -11.42
N ASN A 101 15.35 4.77 -10.53
CA ASN A 101 14.07 4.21 -10.94
C ASN A 101 12.92 4.52 -9.99
N ILE A 102 13.12 5.36 -8.98
CA ILE A 102 12.05 5.62 -8.01
C ILE A 102 10.83 6.21 -8.70
N ASN A 103 11.05 7.06 -9.71
CA ASN A 103 9.91 7.65 -10.41
C ASN A 103 9.07 6.62 -11.15
N GLN A 104 9.66 5.47 -11.52
CA GLN A 104 8.90 4.35 -12.09
C GLN A 104 8.27 3.48 -11.02
N ILE A 105 9.08 3.05 -10.04
CA ILE A 105 8.60 2.11 -9.04
C ILE A 105 7.47 2.71 -8.23
N ALA A 106 7.58 3.99 -7.88
CA ALA A 106 6.58 4.57 -6.97
C ALA A 106 5.16 4.47 -7.50
N PRO A 107 4.84 4.93 -8.71
CA PRO A 107 3.46 4.78 -9.20
C PRO A 107 3.08 3.33 -9.48
N GLN A 108 4.03 2.50 -9.92
CA GLN A 108 3.70 1.09 -10.13
C GLN A 108 3.32 0.41 -8.83
N LEU A 109 4.06 0.69 -7.77
CA LEU A 109 3.76 0.12 -6.47
C LEU A 109 2.42 0.64 -5.94
N ALA A 110 2.17 1.95 -6.07
CA ALA A 110 0.90 2.49 -5.60
C ALA A 110 -0.27 1.88 -6.35
N SER A 111 -0.15 1.75 -7.68
CA SER A 111 -1.22 1.14 -8.46
C SER A 111 -1.43 -0.32 -8.06
N GLY A 112 -0.34 -1.05 -7.82
CA GLY A 112 -0.47 -2.43 -7.41
C GLY A 112 -1.12 -2.59 -6.05
N ILE A 113 -0.89 -1.63 -5.15
CA ILE A 113 -1.52 -1.68 -3.83
C ILE A 113 -3.01 -1.41 -3.93
N VAL A 114 -3.39 -0.38 -4.70
CA VAL A 114 -4.81 -0.05 -4.85
C VAL A 114 -5.55 -1.23 -5.47
N LEU A 115 -5.00 -1.81 -6.53
CA LEU A 115 -5.59 -3.01 -7.11
C LEU A 115 -5.63 -4.14 -6.09
N GLY A 116 -4.53 -4.35 -5.36
CA GLY A 116 -4.50 -5.41 -4.37
C GLY A 116 -5.55 -5.24 -3.28
N VAL A 117 -5.73 -4.01 -2.78
CA VAL A 117 -6.79 -3.77 -1.81
C VAL A 117 -8.15 -4.07 -2.41
N SER A 118 -8.38 -3.66 -3.66
CA SER A 118 -9.68 -3.87 -4.28
C SER A 118 -9.99 -5.37 -4.45
N THR A 119 -8.97 -6.21 -4.60
CA THR A 119 -9.16 -7.64 -4.78
C THR A 119 -9.11 -8.40 -3.46
N THR A 120 -8.97 -7.73 -2.32
CA THR A 120 -8.90 -8.42 -1.04
C THR A 120 -9.89 -7.87 -0.01
N ALA A 121 -10.15 -6.56 -0.06
CA ALA A 121 -11.05 -5.97 0.93
C ALA A 121 -12.42 -6.64 1.01
N PRO A 122 -13.04 -7.08 -0.09
CA PRO A 122 -14.34 -7.77 0.02
C PRO A 122 -14.30 -9.07 0.84
N GLN A 123 -13.12 -9.65 1.06
CA GLN A 123 -13.02 -10.82 1.94
C GLN A 123 -13.35 -10.46 3.39
N PHE A 124 -13.34 -9.17 3.71
CA PHE A 124 -13.59 -8.67 5.05
C PHE A 124 -14.85 -7.82 5.10
N GLY A 125 -15.69 -7.92 4.07
CA GLY A 125 -16.95 -7.22 4.04
C GLY A 125 -16.86 -5.77 3.65
N VAL A 126 -15.71 -5.30 3.17
CA VAL A 126 -15.58 -3.92 2.71
C VAL A 126 -16.26 -3.79 1.35
N ASP A 127 -17.23 -2.88 1.27
CA ASP A 127 -17.97 -2.68 0.04
C ASP A 127 -17.28 -1.59 -0.78
N LEU A 128 -16.96 -1.93 -2.02
CA LEU A 128 -16.37 -0.97 -2.95
C LEU A 128 -17.32 -0.65 -4.11
N SER A 129 -18.61 -1.00 -3.98
CA SER A 129 -19.55 -0.85 -5.09
C SER A 129 -19.75 0.60 -5.49
N SER A 130 -19.57 1.53 -4.56
CA SER A 130 -19.74 2.95 -4.85
C SER A 130 -18.48 3.59 -5.44
N ILE A 131 -17.39 2.84 -5.57
CA ILE A 131 -16.14 3.35 -6.10
C ILE A 131 -15.91 2.72 -7.47
N ASN A 132 -15.56 3.54 -8.44
CA ASN A 132 -15.08 3.00 -9.72
C ASN A 132 -13.61 2.66 -9.52
N VAL A 133 -13.33 1.37 -9.34
CA VAL A 133 -11.96 0.96 -9.03
C VAL A 133 -11.02 1.27 -10.18
N ASN A 134 -11.50 1.09 -11.41
CA ASN A 134 -10.68 1.41 -12.58
C ASN A 134 -10.24 2.88 -12.54
N LEU A 135 -11.19 3.78 -12.25
CA LEU A 135 -10.88 5.20 -12.17
C LEU A 135 -9.95 5.51 -11.00
N ASP A 136 -10.17 4.86 -9.85
CA ASP A 136 -9.29 5.10 -8.71
C ASP A 136 -7.85 4.71 -9.04
N ILE A 137 -7.66 3.57 -9.73
CA ILE A 137 -6.32 3.20 -10.17
C ILE A 137 -5.81 4.19 -11.20
N SER A 138 -6.68 4.66 -12.10
CA SER A 138 -6.28 5.63 -13.10
C SER A 138 -5.73 6.90 -12.46
N ASN A 139 -6.29 7.31 -11.33
CA ASN A 139 -5.90 8.54 -10.64
C ASN A 139 -4.57 8.43 -9.91
N VAL A 140 -4.03 7.23 -9.73
CA VAL A 140 -2.81 7.05 -8.95
C VAL A 140 -1.67 7.91 -9.50
N ALA A 141 -1.52 7.96 -10.82
CA ALA A 141 -0.40 8.70 -11.40
C ALA A 141 -0.45 10.18 -11.04
N ARG A 142 -1.61 10.82 -11.20
CA ARG A 142 -1.73 12.23 -10.85
C ARG A 142 -1.56 12.45 -9.35
N ASN A 143 -2.12 11.57 -8.53
CA ASN A 143 -1.97 11.73 -7.09
C ASN A 143 -0.53 11.52 -6.66
N MET A 144 0.20 10.62 -7.34
CA MET A 144 1.61 10.40 -7.01
C MET A 144 2.45 11.60 -7.42
N GLN A 145 2.19 12.16 -8.60
CA GLN A 145 2.81 13.42 -9.00
C GLN A 145 2.66 14.47 -7.92
N ALA A 146 1.42 14.62 -7.41
CA ALA A 146 1.19 15.59 -6.34
C ALA A 146 2.01 15.25 -5.11
N SER A 147 2.12 13.96 -4.79
CA SER A 147 2.83 13.54 -3.59
C SER A 147 4.34 13.58 -3.76
N ILE A 148 4.84 13.33 -4.96
CA ILE A 148 6.27 13.19 -5.18
C ILE A 148 6.88 14.47 -5.73
#